data_3FWZ
#
_entry.id   3FWZ
#
_cell.length_a   34.801
_cell.length_b   53.071
_cell.length_c   72.537
_cell.angle_alpha   90.00
_cell.angle_beta   97.82
_cell.angle_gamma   90.00
#
_symmetry.space_group_name_H-M   'P 1 21 1'
#
loop_
_entity.id
_entity.type
_entity.pdbx_description
1 polymer 'Inner membrane protein ybaL'
2 non-polymer 'ADENOSINE MONOPHOSPHATE'
3 non-polymer 'MAGNESIUM ION'
4 water water
#
_entity_poly.entity_id   1
_entity_poly.type   'polypeptide(L)'
_entity_poly.pdbx_seq_one_letter_code
;SNAVDICNHALLVGYGRVGSLLGEKLLASDIPLVVIETSRTRVDELRERGVRAVLGNAANEEI(MSE)QLAHLECAKWLI
LTIPNGYEAGEIVASARAKNPDIEIIARAHYDDEVAYITERGANQVV(MSE)GEREIART(MSE)LELLETP
;
_entity_poly.pdbx_strand_id   A,B
#
# COMPACT_ATOMS: atom_id res chain seq x y z
N SER A 1 -13.34 0.50 32.20
CA SER A 1 -12.36 1.57 32.51
C SER A 1 -11.96 2.31 31.26
N ASN A 2 -12.02 1.61 30.12
CA ASN A 2 -11.37 2.05 28.86
C ASN A 2 -9.84 2.31 29.03
N ALA A 3 -9.24 1.68 30.04
CA ALA A 3 -7.86 1.98 30.43
C ALA A 3 -7.01 0.72 30.49
N VAL A 4 -5.68 0.89 30.39
CA VAL A 4 -4.72 -0.23 30.50
C VAL A 4 -3.68 0.04 31.59
N ASP A 5 -3.05 -1.03 32.08
CA ASP A 5 -2.00 -0.95 33.10
C ASP A 5 -0.59 -1.22 32.56
N ILE A 6 -0.49 -1.75 31.34
CA ILE A 6 0.77 -2.27 30.81
C ILE A 6 1.73 -1.15 30.36
N CYS A 7 3.02 -1.47 30.32
CA CYS A 7 4.07 -0.58 29.83
C CYS A 7 5.01 -1.38 28.95
N ASN A 8 5.94 -0.69 28.28
CA ASN A 8 6.89 -1.28 27.33
C ASN A 8 6.20 -1.97 26.14
N HIS A 9 5.01 -1.49 25.80
CA HIS A 9 4.14 -2.16 24.80
C HIS A 9 4.21 -1.49 23.43
N ALA A 10 3.74 -2.19 22.40
CA ALA A 10 3.46 -1.60 21.10
C ALA A 10 2.08 -1.03 21.20
N LEU A 11 1.98 0.27 20.94
CA LEU A 11 0.72 0.99 20.91
C LEU A 11 0.33 1.19 19.43
N LEU A 12 -0.71 0.47 19.03
CA LEU A 12 -1.11 0.39 17.64
C LEU A 12 -2.39 1.18 17.43
N VAL A 13 -2.34 2.19 16.57
CA VAL A 13 -3.53 2.99 16.25
C VAL A 13 -4.14 2.47 14.95
N GLY A 14 -5.36 1.95 15.03
CA GLY A 14 -6.05 1.39 13.88
C GLY A 14 -5.94 -0.13 13.79
N TYR A 15 -7.06 -0.79 13.49
CA TYR A 15 -7.07 -2.24 13.34
C TYR A 15 -7.92 -2.59 12.12
N GLY A 16 -7.64 -1.90 11.01
CA GLY A 16 -8.30 -2.13 9.72
C GLY A 16 -7.43 -3.06 8.92
N ARG A 17 -7.35 -2.79 7.61
CA ARG A 17 -6.54 -3.61 6.69
C ARG A 17 -5.09 -3.72 7.15
N VAL A 18 -4.53 -2.56 7.51
CA VAL A 18 -3.10 -2.51 7.89
C VAL A 18 -2.91 -2.97 9.32
N GLY A 19 -3.65 -2.35 10.25
CA GLY A 19 -3.45 -2.63 11.68
C GLY A 19 -3.74 -4.07 12.07
N SER A 20 -4.74 -4.69 11.44
CA SER A 20 -5.10 -6.06 11.82
C SER A 20 -3.97 -7.02 11.46
N LEU A 21 -3.28 -6.73 10.36
CA LEU A 21 -2.15 -7.57 9.96
C LEU A 21 -0.96 -7.41 10.93
N LEU A 22 -0.70 -6.18 11.38
CA LEU A 22 0.32 -5.92 12.39
C LEU A 22 -0.01 -6.54 13.73
N GLY A 23 -1.24 -6.32 14.14
CA GLY A 23 -1.78 -6.89 15.36
C GLY A 23 -1.56 -8.39 15.43
N GLU A 24 -1.99 -9.11 14.40
N GLU A 24 -1.98 -9.08 14.38
CA GLU A 24 -1.92 -10.56 14.45
CA GLU A 24 -1.86 -10.54 14.29
C GLU A 24 -0.47 -11.03 14.58
C GLU A 24 -0.42 -10.95 14.56
N LYS A 25 0.42 -10.42 13.81
N LYS A 25 0.50 -10.40 13.79
CA LYS A 25 1.84 -10.75 13.92
CA LYS A 25 1.91 -10.76 13.91
C LYS A 25 2.42 -10.38 15.28
C LYS A 25 2.57 -10.31 15.21
N LEU A 26 2.16 -9.16 15.74
CA LEU A 26 2.69 -8.70 17.04
C LEU A 26 2.28 -9.66 18.16
N LEU A 27 1.01 -10.06 18.15
CA LEU A 27 0.45 -11.00 19.13
C LEU A 27 1.14 -12.36 19.08
N ALA A 28 1.44 -12.83 17.88
CA ALA A 28 2.19 -14.08 17.73
C ALA A 28 3.61 -13.96 18.28
N SER A 29 4.17 -12.75 18.26
CA SER A 29 5.57 -12.54 18.66
C SER A 29 5.73 -12.18 20.13
N ASP A 30 4.66 -12.32 20.91
CA ASP A 30 4.63 -11.97 22.34
C ASP A 30 5.21 -10.56 22.64
N ILE A 31 4.91 -9.60 21.75
CA ILE A 31 5.14 -8.19 22.03
C ILE A 31 3.85 -7.68 22.67
N PRO A 32 3.93 -7.06 23.85
CA PRO A 32 2.70 -6.59 24.48
C PRO A 32 2.01 -5.58 23.57
N LEU A 33 0.70 -5.71 23.39
CA LEU A 33 -0.03 -4.90 22.41
C LEU A 33 -1.19 -4.18 23.04
N VAL A 34 -1.33 -2.90 22.73
CA VAL A 34 -2.55 -2.18 23.06
C VAL A 34 -3.00 -1.58 21.75
N VAL A 35 -4.28 -1.69 21.43
CA VAL A 35 -4.81 -1.08 20.22
C VAL A 35 -5.70 0.11 20.58
N ILE A 36 -5.55 1.20 19.84
CA ILE A 36 -6.53 2.28 19.91
C ILE A 36 -7.34 2.24 18.62
N GLU A 37 -8.67 2.21 18.76
CA GLU A 37 -9.59 2.28 17.61
C GLU A 37 -10.76 3.20 17.87
N THR A 38 -11.18 3.95 16.85
CA THR A 38 -12.46 4.71 16.96
C THR A 38 -13.68 3.80 16.80
N SER A 39 -13.46 2.62 16.22
CA SER A 39 -14.58 1.73 15.92
C SER A 39 -14.94 0.90 17.15
N ARG A 40 -16.17 1.10 17.65
CA ARG A 40 -16.66 0.28 18.76
C ARG A 40 -16.66 -1.21 18.40
N THR A 41 -17.05 -1.51 17.17
CA THR A 41 -17.11 -2.89 16.70
C THR A 41 -15.75 -3.56 16.80
N ARG A 42 -14.72 -2.86 16.31
CA ARG A 42 -13.37 -3.39 16.36
C ARG A 42 -12.85 -3.54 17.79
N VAL A 43 -13.12 -2.55 18.64
CA VAL A 43 -12.69 -2.65 20.06
C VAL A 43 -13.36 -3.85 20.72
N ASP A 44 -14.67 -4.00 20.51
CA ASP A 44 -15.43 -5.10 21.12
C ASP A 44 -14.88 -6.46 20.67
N GLU A 45 -14.58 -6.58 19.38
N GLU A 45 -14.57 -6.60 19.38
CA GLU A 45 -13.93 -7.78 18.81
CA GLU A 45 -13.97 -7.84 18.89
C GLU A 45 -12.59 -8.09 19.47
C GLU A 45 -12.59 -8.11 19.49
N LEU A 46 -11.75 -7.07 19.57
CA LEU A 46 -10.43 -7.21 20.18
C LEU A 46 -10.50 -7.66 21.64
N ARG A 47 -11.37 -7.00 22.40
CA ARG A 47 -11.55 -7.34 23.81
C ARG A 47 -12.09 -8.77 23.96
N GLU A 48 -13.04 -9.14 23.10
CA GLU A 48 -13.62 -10.51 23.11
C GLU A 48 -12.50 -11.54 22.90
N ARG A 49 -11.44 -11.13 22.20
CA ARG A 49 -10.29 -11.97 21.91
C ARG A 49 -9.12 -11.79 22.90
N GLY A 50 -9.33 -11.08 24.00
CA GLY A 50 -8.27 -10.90 25.00
C GLY A 50 -7.13 -9.99 24.52
N VAL A 51 -7.44 -9.04 23.64
CA VAL A 51 -6.47 -8.03 23.26
C VAL A 51 -6.84 -6.72 23.94
N ARG A 52 -5.87 -6.04 24.56
CA ARG A 52 -6.14 -4.73 25.16
C ARG A 52 -6.49 -3.72 24.05
N ALA A 53 -7.58 -2.99 24.23
CA ALA A 53 -8.06 -2.07 23.21
C ALA A 53 -8.71 -0.88 23.91
N VAL A 54 -8.33 0.32 23.49
CA VAL A 54 -8.91 1.56 23.99
C VAL A 54 -9.78 2.19 22.87
N LEU A 55 -11.04 2.44 23.19
CA LEU A 55 -11.98 3.07 22.26
C LEU A 55 -11.81 4.59 22.28
N GLY A 56 -11.58 5.16 21.10
CA GLY A 56 -11.46 6.61 21.00
C GLY A 56 -10.49 7.02 19.91
N ASN A 57 -10.31 8.31 19.77
CA ASN A 57 -9.49 8.86 18.69
C ASN A 57 -8.10 9.11 19.26
N ALA A 58 -7.09 8.59 18.58
CA ALA A 58 -5.69 8.76 19.03
C ALA A 58 -5.21 10.20 19.07
N ALA A 59 -5.95 11.11 18.42
CA ALA A 59 -5.65 12.56 18.52
C ALA A 59 -6.10 13.16 19.85
N ASN A 60 -6.84 12.41 20.65
CA ASN A 60 -7.27 12.87 21.95
C ASN A 60 -6.25 12.50 23.04
N GLU A 61 -5.72 13.51 23.75
CA GLU A 61 -4.74 13.26 24.82
C GLU A 61 -5.20 12.28 25.92
N GLU A 62 -6.47 12.35 26.30
CA GLU A 62 -7.01 11.45 27.32
C GLU A 62 -7.00 9.99 26.85
N ILE A 63 -7.27 9.81 25.55
CA ILE A 63 -7.20 8.50 24.94
C ILE A 63 -5.76 7.97 24.98
N GLN A 65 -3.41 8.74 27.14
CA GLN A 65 -3.14 8.44 28.53
C GLN A 65 -3.78 7.10 28.92
N LEU A 66 -5.04 6.92 28.53
CA LEU A 66 -5.74 5.67 28.79
C LEU A 66 -4.96 4.49 28.22
N ALA A 67 -4.31 4.69 27.07
CA ALA A 67 -3.53 3.65 26.42
C ALA A 67 -2.06 3.58 26.84
N HIS A 68 -1.67 4.38 27.84
CA HIS A 68 -0.30 4.41 28.37
C HIS A 68 0.76 4.75 27.32
N LEU A 69 0.45 5.72 26.47
CA LEU A 69 1.44 6.25 25.55
C LEU A 69 2.75 6.57 26.25
N GLU A 70 2.65 7.21 27.42
CA GLU A 70 3.79 7.62 28.24
C GLU A 70 4.88 6.58 28.48
N CYS A 71 4.53 5.30 28.41
CA CYS A 71 5.48 4.22 28.68
C CYS A 71 5.52 3.13 27.60
N ALA A 72 4.88 3.40 26.47
CA ALA A 72 4.92 2.50 25.30
C ALA A 72 6.31 2.52 24.68
N LYS A 73 6.73 1.39 24.09
CA LYS A 73 8.01 1.30 23.39
C LYS A 73 7.88 1.75 21.95
N TRP A 74 6.74 1.45 21.35
CA TRP A 74 6.45 1.83 19.98
C TRP A 74 5.10 2.51 19.88
N LEU A 75 5.03 3.51 19.00
CA LEU A 75 3.76 4.07 18.55
C LEU A 75 3.65 3.78 17.07
N ILE A 76 2.60 3.02 16.70
CA ILE A 76 2.46 2.58 15.30
C ILE A 76 1.16 3.13 14.76
N LEU A 77 1.27 4.08 13.83
CA LEU A 77 0.06 4.69 13.24
C LEU A 77 -0.28 3.98 11.93
N THR A 78 -1.48 3.42 11.87
CA THR A 78 -1.90 2.74 10.63
C THR A 78 -3.11 3.40 9.98
N ILE A 79 -3.43 4.62 10.40
CA ILE A 79 -4.54 5.38 9.84
C ILE A 79 -4.18 5.92 8.43
N PRO A 80 -5.18 6.10 7.55
CA PRO A 80 -4.76 6.35 6.15
C PRO A 80 -4.37 7.78 5.86
N ASN A 81 -4.84 8.74 6.66
CA ASN A 81 -4.57 10.13 6.32
C ASN A 81 -3.26 10.61 6.96
N GLY A 82 -2.29 10.98 6.13
CA GLY A 82 -0.97 11.33 6.64
C GLY A 82 -0.90 12.64 7.40
N TYR A 83 -1.78 13.58 7.05
CA TYR A 83 -1.85 14.83 7.81
C TYR A 83 -2.39 14.56 9.21
N GLU A 84 -3.47 13.79 9.29
CA GLU A 84 -3.99 13.42 10.61
C GLU A 84 -2.92 12.68 11.42
N ALA A 85 -2.21 11.76 10.76
CA ALA A 85 -1.17 10.98 11.44
C ALA A 85 -0.06 11.92 11.96
N GLY A 86 0.33 12.87 11.10
CA GLY A 86 1.38 13.84 11.44
C GLY A 86 1.07 14.62 12.70
N GLU A 87 -0.20 14.96 12.90
CA GLU A 87 -0.59 15.72 14.07
C GLU A 87 -0.41 14.87 15.35
N ILE A 88 -0.74 13.59 15.23
CA ILE A 88 -0.61 12.65 16.36
C ILE A 88 0.87 12.46 16.66
N VAL A 89 1.66 12.29 15.61
CA VAL A 89 3.11 12.12 15.73
C VAL A 89 3.74 13.32 16.44
N ALA A 90 3.34 14.53 16.05
CA ALA A 90 3.88 15.75 16.62
C ALA A 90 3.66 15.76 18.12
N SER A 91 2.43 15.45 18.52
CA SER A 91 2.05 15.48 19.91
C SER A 91 2.78 14.41 20.76
N ALA A 92 2.90 13.19 20.22
CA ALA A 92 3.57 12.12 20.92
C ALA A 92 5.07 12.40 21.09
N ARG A 93 5.68 12.92 20.05
CA ARG A 93 7.13 13.18 20.03
C ARG A 93 7.50 14.30 21.02
N ALA A 94 6.67 15.33 21.08
CA ALA A 94 6.91 16.47 22.00
C ALA A 94 7.16 15.93 23.42
N LYS A 95 6.33 14.95 23.79
CA LYS A 95 6.30 14.40 25.12
C LYS A 95 7.35 13.30 25.34
N ASN A 96 7.83 12.67 24.27
CA ASN A 96 8.83 11.61 24.42
C ASN A 96 9.77 11.51 23.21
N PRO A 97 11.04 11.94 23.38
CA PRO A 97 12.03 11.91 22.31
C PRO A 97 12.46 10.51 21.96
N ASP A 98 12.21 9.56 22.84
CA ASP A 98 12.76 8.23 22.68
C ASP A 98 11.83 7.26 22.00
N ILE A 99 10.51 7.48 22.12
CA ILE A 99 9.58 6.46 21.64
C ILE A 99 9.76 6.24 20.13
N GLU A 100 9.79 4.98 19.70
CA GLU A 100 9.90 4.70 18.27
C GLU A 100 8.53 4.92 17.63
N ILE A 101 8.48 5.79 16.62
CA ILE A 101 7.22 6.14 15.96
C ILE A 101 7.25 5.72 14.49
N ILE A 102 6.27 4.91 14.10
CA ILE A 102 6.16 4.46 12.71
C ILE A 102 4.79 4.81 12.20
N ALA A 103 4.70 5.32 10.96
CA ALA A 103 3.43 5.79 10.43
C ALA A 103 3.24 5.42 8.97
N ARG A 104 1.96 5.35 8.58
CA ARG A 104 1.54 5.09 7.22
C ARG A 104 1.30 6.41 6.44
N ALA A 105 1.58 6.39 5.14
CA ALA A 105 1.25 7.52 4.28
C ALA A 105 1.00 7.04 2.86
N HIS A 106 0.52 7.96 2.01
CA HIS A 106 0.21 7.62 0.63
C HIS A 106 0.72 8.61 -0.38
N TYR A 107 1.18 9.75 0.09
CA TYR A 107 1.71 10.78 -0.80
C TYR A 107 3.00 11.36 -0.25
N ASP A 108 3.89 11.82 -1.15
CA ASP A 108 5.20 12.32 -0.75
C ASP A 108 5.09 13.48 0.23
N ASP A 109 4.08 14.33 0.05
CA ASP A 109 3.93 15.51 0.94
C ASP A 109 3.48 15.06 2.33
N GLU A 110 2.75 13.95 2.41
CA GLU A 110 2.44 13.37 3.73
C GLU A 110 3.68 12.84 4.40
N VAL A 111 4.51 12.13 3.63
CA VAL A 111 5.74 11.58 4.19
C VAL A 111 6.57 12.71 4.82
N ALA A 112 6.75 13.78 4.06
CA ALA A 112 7.51 14.94 4.53
C ALA A 112 6.93 15.58 5.78
N TYR A 113 5.62 15.77 5.79
CA TYR A 113 4.88 16.32 6.92
C TYR A 113 5.08 15.47 8.19
N ILE A 114 4.97 14.15 8.04
CA ILE A 114 5.12 13.24 9.17
C ILE A 114 6.55 13.22 9.70
N THR A 115 7.50 13.11 8.79
CA THR A 115 8.94 13.09 9.11
C THR A 115 9.34 14.38 9.83
N GLU A 116 8.86 15.51 9.32
CA GLU A 116 9.14 16.83 9.94
C GLU A 116 8.66 16.87 11.41
N ARG A 117 7.61 16.13 11.70
CA ARG A 117 7.02 16.06 13.05
C ARG A 117 7.59 14.98 13.95
N GLY A 118 8.60 14.26 13.46
CA GLY A 118 9.43 13.43 14.32
C GLY A 118 9.28 11.93 14.23
N ALA A 119 8.56 11.43 13.23
CA ALA A 119 8.44 9.96 13.05
C ALA A 119 9.79 9.36 12.74
N ASN A 120 10.08 8.17 13.29
CA ASN A 120 11.32 7.49 12.93
C ASN A 120 11.22 6.85 11.55
N GLN A 121 10.04 6.34 11.22
CA GLN A 121 9.82 5.65 9.94
C GLN A 121 8.46 5.97 9.39
N VAL A 122 8.42 6.27 8.11
CA VAL A 122 7.14 6.44 7.41
C VAL A 122 7.10 5.48 6.26
N VAL A 123 6.00 4.74 6.18
CA VAL A 123 5.84 3.68 5.17
C VAL A 123 4.74 4.14 4.20
N GLY A 125 2.39 3.52 1.09
CA GLY A 125 1.84 2.31 0.46
C GLY A 125 2.26 2.19 -0.99
N GLU A 126 2.19 3.30 -1.72
CA GLU A 126 2.38 3.24 -3.17
C GLU A 126 3.84 2.95 -3.51
N ARG A 127 4.76 3.40 -2.65
N ARG A 127 4.76 3.41 -2.65
CA ARG A 127 6.17 3.05 -2.84
CA ARG A 127 6.17 3.08 -2.78
C ARG A 127 6.40 1.55 -2.61
C ARG A 127 6.39 1.58 -2.61
N GLU A 128 5.73 1.00 -1.60
CA GLU A 128 5.85 -0.42 -1.32
C GLU A 128 5.19 -1.24 -2.42
N ILE A 129 4.09 -0.74 -3.00
CA ILE A 129 3.51 -1.46 -4.17
C ILE A 129 4.50 -1.58 -5.31
N ALA A 130 5.14 -0.46 -5.66
CA ALA A 130 6.10 -0.44 -6.78
C ALA A 130 7.29 -1.36 -6.47
N ARG A 131 7.76 -1.28 -5.23
CA ARG A 131 8.94 -2.06 -4.86
C ARG A 131 8.61 -3.55 -4.96
N THR A 132 7.43 -3.93 -4.46
CA THR A 132 7.07 -5.35 -4.43
C THR A 132 6.82 -5.85 -5.86
N LEU A 134 8.29 -4.75 -8.57
N LEU A 134 8.28 -4.75 -8.56
CA LEU A 134 9.60 -4.90 -9.19
CA LEU A 134 9.61 -4.87 -9.15
C LEU A 134 10.25 -6.20 -8.73
C LEU A 134 10.26 -6.18 -8.72
N GLU A 135 10.11 -6.51 -7.43
CA GLU A 135 10.64 -7.76 -6.93
C GLU A 135 10.04 -8.96 -7.65
N LEU A 136 8.73 -8.92 -7.88
CA LEU A 136 8.07 -9.99 -8.65
C LEU A 136 8.60 -10.06 -10.08
N LEU A 137 8.73 -8.90 -10.73
CA LEU A 137 9.18 -8.83 -12.12
C LEU A 137 10.63 -9.32 -12.26
N GLU A 138 11.44 -9.11 -11.21
CA GLU A 138 12.87 -9.52 -11.23
C GLU A 138 13.13 -10.96 -10.83
N THR A 139 12.08 -11.65 -10.41
CA THR A 139 12.16 -13.05 -10.02
C THR A 139 12.12 -13.94 -11.26
N PRO A 140 13.07 -14.88 -11.36
CA PRO A 140 13.06 -15.79 -12.52
C PRO A 140 11.81 -16.66 -12.62
N VAL B 4 3.46 0.82 -31.55
CA VAL B 4 2.89 -0.16 -32.51
C VAL B 4 3.97 -0.82 -33.39
N ASP B 5 5.22 -0.76 -32.92
CA ASP B 5 6.34 -1.40 -33.60
C ASP B 5 7.01 -2.45 -32.71
N ILE B 6 6.34 -2.81 -31.62
CA ILE B 6 7.03 -3.49 -30.51
C ILE B 6 6.29 -4.71 -30.00
N CYS B 7 7.04 -5.79 -29.72
CA CYS B 7 6.50 -6.98 -29.05
C CYS B 7 7.37 -7.43 -27.89
N ASN B 8 6.91 -8.44 -27.15
CA ASN B 8 7.59 -8.96 -25.93
C ASN B 8 7.91 -7.92 -24.88
N HIS B 9 7.12 -6.85 -24.84
CA HIS B 9 7.37 -5.72 -23.96
C HIS B 9 6.57 -5.81 -22.66
N ALA B 10 6.97 -4.98 -21.70
CA ALA B 10 6.16 -4.70 -20.53
C ALA B 10 5.14 -3.63 -20.94
N LEU B 11 3.86 -3.95 -20.72
CA LEU B 11 2.76 -3.08 -21.03
C LEU B 11 2.26 -2.62 -19.68
N LEU B 12 2.55 -1.36 -19.37
CA LEU B 12 2.32 -0.76 -18.06
C LEU B 12 1.14 0.16 -18.14
N VAL B 13 0.11 -0.12 -17.33
CA VAL B 13 -1.06 0.74 -17.31
C VAL B 13 -0.97 1.61 -16.07
N GLY B 14 -0.92 2.92 -16.28
CA GLY B 14 -0.85 3.91 -15.23
C GLY B 14 0.57 4.36 -15.02
N TYR B 15 0.76 5.66 -14.82
CA TYR B 15 2.13 6.17 -14.60
C TYR B 15 2.03 7.28 -13.54
N GLY B 16 1.35 6.94 -12.46
CA GLY B 16 1.27 7.87 -11.29
C GLY B 16 2.28 7.47 -10.24
N ARG B 17 1.88 7.53 -8.98
CA ARG B 17 2.80 7.21 -7.86
C ARG B 17 3.41 5.83 -8.05
N VAL B 18 2.60 4.86 -8.44
CA VAL B 18 3.10 3.48 -8.55
C VAL B 18 3.75 3.25 -9.88
N GLY B 19 3.05 3.59 -10.97
CA GLY B 19 3.54 3.25 -12.30
C GLY B 19 4.82 3.99 -12.64
N SER B 20 4.94 5.23 -12.18
CA SER B 20 6.13 6.00 -12.49
C SER B 20 7.37 5.38 -11.80
N LEU B 21 7.20 4.92 -10.57
CA LEU B 21 8.33 4.31 -9.86
C LEU B 21 8.74 3.03 -10.55
N LEU B 22 7.75 2.23 -10.95
CA LEU B 22 8.04 1.00 -11.64
C LEU B 22 8.64 1.24 -13.04
N GLY B 23 8.06 2.16 -13.79
CA GLY B 23 8.52 2.42 -15.14
C GLY B 23 9.95 2.88 -15.18
N GLU B 24 10.33 3.74 -14.22
CA GLU B 24 11.71 4.25 -14.21
C GLU B 24 12.72 3.13 -14.01
N LYS B 25 12.38 2.16 -13.16
CA LYS B 25 13.25 1.00 -12.93
C LYS B 25 13.30 0.08 -14.15
N LEU B 26 12.14 -0.15 -14.78
CA LEU B 26 12.09 -0.92 -16.02
C LEU B 26 12.92 -0.27 -17.12
N LEU B 27 12.77 1.05 -17.31
CA LEU B 27 13.59 1.73 -18.32
C LEU B 27 15.09 1.58 -18.05
N ALA B 28 15.46 1.70 -16.77
CA ALA B 28 16.87 1.58 -16.33
C ALA B 28 17.45 0.20 -16.58
N SER B 29 16.56 -0.79 -16.58
CA SER B 29 16.90 -2.20 -16.77
C SER B 29 16.81 -2.61 -18.24
N ASP B 30 16.61 -1.63 -19.12
CA ASP B 30 16.44 -1.87 -20.57
C ASP B 30 15.32 -2.88 -20.90
N ILE B 31 14.22 -2.84 -20.16
CA ILE B 31 13.06 -3.69 -20.46
C ILE B 31 12.22 -2.90 -21.45
N PRO B 32 11.88 -3.49 -22.62
CA PRO B 32 11.09 -2.71 -23.56
C PRO B 32 9.74 -2.36 -22.92
N LEU B 33 9.31 -1.10 -23.05
CA LEU B 33 8.15 -0.59 -22.29
C LEU B 33 7.14 0.15 -23.17
N VAL B 34 5.85 -0.11 -22.95
CA VAL B 34 4.77 0.74 -23.48
C VAL B 34 3.86 1.09 -22.31
N VAL B 35 3.52 2.37 -22.22
CA VAL B 35 2.65 2.87 -21.17
C VAL B 35 1.30 3.29 -21.73
N ILE B 36 0.21 2.80 -21.12
CA ILE B 36 -1.12 3.35 -21.35
C ILE B 36 -1.49 4.26 -20.17
N GLU B 37 -1.95 5.48 -20.49
CA GLU B 37 -2.40 6.44 -19.49
C GLU B 37 -3.59 7.20 -19.99
N THR B 38 -4.55 7.45 -19.10
CA THR B 38 -5.63 8.39 -19.43
C THR B 38 -5.19 9.85 -19.37
N SER B 39 -4.05 10.10 -18.74
CA SER B 39 -3.58 11.49 -18.61
C SER B 39 -2.79 11.92 -19.85
N ARG B 40 -3.36 12.89 -20.57
CA ARG B 40 -2.69 13.48 -21.72
C ARG B 40 -1.34 14.07 -21.29
N THR B 41 -1.34 14.70 -20.10
CA THR B 41 -0.14 15.35 -19.60
C THR B 41 0.98 14.32 -19.41
N ARG B 42 0.64 13.19 -18.82
CA ARG B 42 1.61 12.13 -18.54
C ARG B 42 2.11 11.47 -19.84
N VAL B 43 1.20 11.24 -20.77
CA VAL B 43 1.57 10.73 -22.09
C VAL B 43 2.55 11.66 -22.81
N ASP B 44 2.26 12.97 -22.81
CA ASP B 44 3.17 13.91 -23.46
C ASP B 44 4.56 13.88 -22.81
N GLU B 45 4.62 13.78 -21.48
CA GLU B 45 5.91 13.82 -20.76
C GLU B 45 6.72 12.59 -21.16
N LEU B 46 6.03 11.46 -21.21
CA LEU B 46 6.71 10.21 -21.58
C LEU B 46 7.24 10.28 -22.99
N ARG B 47 6.42 10.77 -23.91
CA ARG B 47 6.85 10.82 -25.33
C ARG B 47 8.01 11.79 -25.53
N GLU B 48 8.04 12.85 -24.73
CA GLU B 48 9.17 13.82 -24.78
C GLU B 48 10.49 13.14 -24.45
N ARG B 49 10.40 12.07 -23.65
CA ARG B 49 11.58 11.29 -23.23
C ARG B 49 11.83 10.05 -24.11
N GLY B 50 11.07 9.94 -25.21
CA GLY B 50 11.19 8.80 -26.13
C GLY B 50 10.61 7.49 -25.61
N VAL B 51 9.68 7.57 -24.66
CA VAL B 51 9.01 6.39 -24.11
C VAL B 51 7.73 6.22 -24.89
N ARG B 52 7.45 4.98 -25.29
CA ARG B 52 6.24 4.69 -26.05
C ARG B 52 5.04 4.78 -25.12
N ALA B 53 4.04 5.58 -25.50
CA ALA B 53 2.88 5.76 -24.63
C ALA B 53 1.64 5.93 -25.45
N VAL B 54 0.53 5.38 -24.97
CA VAL B 54 -0.75 5.41 -25.68
C VAL B 54 -1.74 6.13 -24.79
N LEU B 55 -2.40 7.13 -25.32
CA LEU B 55 -3.38 7.90 -24.55
C LEU B 55 -4.75 7.22 -24.64
N GLY B 56 -5.26 6.80 -23.50
CA GLY B 56 -6.60 6.23 -23.49
C GLY B 56 -6.82 5.39 -22.28
N ASN B 57 -8.02 4.81 -22.19
CA ASN B 57 -8.35 3.96 -21.08
C ASN B 57 -7.98 2.52 -21.43
N ALA B 58 -7.29 1.81 -20.53
CA ALA B 58 -6.79 0.46 -20.82
C ALA B 58 -7.95 -0.51 -21.02
N ALA B 59 -9.14 -0.15 -20.57
CA ALA B 59 -10.29 -1.03 -20.80
C ALA B 59 -10.77 -0.99 -22.24
N ASN B 60 -10.37 0.04 -23.00
CA ASN B 60 -10.81 0.20 -24.40
C ASN B 60 -10.00 -0.72 -25.31
N GLU B 61 -10.69 -1.56 -26.06
CA GLU B 61 -10.04 -2.54 -26.95
C GLU B 61 -9.08 -1.94 -27.96
N GLU B 62 -9.47 -0.83 -28.58
CA GLU B 62 -8.64 -0.18 -29.60
C GLU B 62 -7.36 0.32 -28.93
N ILE B 63 -7.50 0.81 -27.69
CA ILE B 63 -6.33 1.28 -26.92
C ILE B 63 -5.37 0.12 -26.63
N GLN B 65 -5.03 -2.54 -28.39
CA GLN B 65 -4.50 -2.86 -29.71
C GLN B 65 -3.35 -1.92 -30.11
N LEU B 66 -3.52 -0.62 -29.85
CA LEU B 66 -2.48 0.36 -30.13
C LEU B 66 -1.23 0.09 -29.31
N ALA B 67 -1.42 -0.51 -28.13
CA ALA B 67 -0.32 -0.84 -27.21
C ALA B 67 0.27 -2.25 -27.38
N HIS B 68 -0.25 -3.00 -28.36
CA HIS B 68 0.27 -4.33 -28.70
C HIS B 68 0.12 -5.34 -27.58
N LEU B 69 -1.03 -5.27 -26.89
CA LEU B 69 -1.34 -6.22 -25.82
C LEU B 69 -1.13 -7.63 -26.32
N GLU B 70 -1.60 -7.86 -27.54
CA GLU B 70 -1.67 -9.21 -28.04
C GLU B 70 -0.31 -9.88 -28.16
N CYS B 71 0.76 -9.09 -28.26
CA CYS B 71 2.09 -9.66 -28.26
C CYS B 71 2.99 -9.21 -27.10
N ALA B 72 2.42 -8.54 -26.08
CA ALA B 72 3.20 -8.12 -24.94
C ALA B 72 3.61 -9.31 -24.06
N LYS B 73 4.71 -9.16 -23.33
CA LYS B 73 5.14 -10.18 -22.39
C LYS B 73 4.50 -10.08 -21.02
N TRP B 74 4.46 -8.86 -20.47
CA TRP B 74 3.81 -8.65 -19.17
C TRP B 74 2.73 -7.59 -19.35
N LEU B 75 1.69 -7.72 -18.56
CA LEU B 75 0.74 -6.64 -18.41
C LEU B 75 0.82 -6.26 -16.95
N ILE B 76 1.07 -4.99 -16.68
CA ILE B 76 1.24 -4.53 -15.30
C ILE B 76 0.21 -3.44 -15.04
N LEU B 77 -0.77 -3.74 -14.19
CA LEU B 77 -1.80 -2.75 -13.87
C LEU B 77 -1.44 -2.05 -12.58
N THR B 78 -1.35 -0.71 -12.64
CA THR B 78 -0.98 0.06 -11.46
C THR B 78 -2.07 1.06 -11.13
N ILE B 79 -3.28 0.77 -11.54
CA ILE B 79 -4.41 1.64 -11.23
C ILE B 79 -5.00 1.23 -9.87
N PRO B 80 -5.52 2.21 -9.14
CA PRO B 80 -5.99 1.88 -7.77
C PRO B 80 -7.32 1.12 -7.69
N ASN B 81 -8.20 1.23 -8.70
CA ASN B 81 -9.53 0.63 -8.60
C ASN B 81 -9.44 -0.84 -8.96
N GLY B 82 -9.46 -1.70 -7.95
CA GLY B 82 -9.22 -3.12 -8.14
C GLY B 82 -10.27 -3.78 -9.01
N TYR B 83 -11.54 -3.38 -8.83
CA TYR B 83 -12.60 -4.02 -9.64
C TYR B 83 -12.51 -3.60 -11.11
N GLU B 84 -12.09 -2.36 -11.33
CA GLU B 84 -11.83 -1.88 -12.70
C GLU B 84 -10.66 -2.67 -13.29
N ALA B 85 -9.62 -2.88 -12.49
CA ALA B 85 -8.45 -3.67 -12.92
C ALA B 85 -8.86 -5.09 -13.26
N GLY B 86 -9.75 -5.69 -12.47
CA GLY B 86 -10.17 -7.08 -12.76
C GLY B 86 -10.81 -7.26 -14.14
N GLU B 87 -11.59 -6.27 -14.59
CA GLU B 87 -12.21 -6.33 -15.93
C GLU B 87 -11.18 -6.22 -17.03
N ILE B 88 -10.19 -5.36 -16.80
CA ILE B 88 -9.09 -5.22 -17.76
C ILE B 88 -8.30 -6.52 -17.84
N VAL B 89 -8.01 -7.11 -16.68
CA VAL B 89 -7.35 -8.39 -16.60
C VAL B 89 -8.11 -9.45 -17.39
N ALA B 90 -9.42 -9.57 -17.17
CA ALA B 90 -10.23 -10.53 -17.90
C ALA B 90 -10.17 -10.34 -19.43
N SER B 91 -10.30 -9.08 -19.86
CA SER B 91 -10.27 -8.76 -21.29
C SER B 91 -8.90 -9.13 -21.85
N ALA B 92 -7.85 -8.77 -21.13
CA ALA B 92 -6.49 -9.05 -21.61
C ALA B 92 -6.21 -10.54 -21.67
N ARG B 93 -6.65 -11.27 -20.64
CA ARG B 93 -6.38 -12.70 -20.53
C ARG B 93 -7.07 -13.43 -21.69
N ALA B 94 -8.27 -13.01 -22.04
CA ALA B 94 -8.93 -13.57 -23.23
C ALA B 94 -8.18 -13.33 -24.53
N LYS B 95 -7.55 -12.16 -24.67
CA LYS B 95 -6.83 -11.79 -25.90
C LYS B 95 -5.40 -12.35 -25.98
N ASN B 96 -4.79 -12.58 -24.84
CA ASN B 96 -3.40 -13.02 -24.77
C ASN B 96 -3.30 -14.06 -23.66
N PRO B 97 -3.61 -15.34 -23.98
CA PRO B 97 -3.67 -16.39 -22.94
C PRO B 97 -2.40 -16.62 -22.14
N ASP B 98 -1.24 -16.21 -22.67
N ASP B 98 -1.23 -16.23 -22.67
CA ASP B 98 0.03 -16.52 -22.03
CA ASP B 98 0.05 -16.53 -22.00
C ASP B 98 0.62 -15.38 -21.20
C ASP B 98 0.79 -15.29 -21.44
N ILE B 99 0.11 -14.16 -21.40
CA ILE B 99 0.72 -12.95 -20.84
C ILE B 99 0.82 -13.07 -19.29
N GLU B 100 1.92 -12.63 -18.68
CA GLU B 100 2.03 -12.57 -17.22
C GLU B 100 1.37 -11.28 -16.76
N ILE B 101 0.39 -11.40 -15.89
CA ILE B 101 -0.38 -10.24 -15.46
C ILE B 101 -0.17 -9.99 -13.97
N ILE B 102 0.21 -8.76 -13.63
N ILE B 102 0.21 -8.75 -13.61
CA ILE B 102 0.40 -8.32 -12.25
CA ILE B 102 0.41 -8.36 -12.22
C ILE B 102 -0.52 -7.10 -12.09
C ILE B 102 -0.34 -7.04 -11.98
N ALA B 103 -1.12 -6.98 -10.91
CA ALA B 103 -2.02 -5.85 -10.67
C ALA B 103 -1.96 -5.37 -9.23
N ARG B 104 -2.33 -4.10 -9.07
CA ARG B 104 -2.47 -3.43 -7.79
C ARG B 104 -3.89 -3.64 -7.23
N ALA B 105 -3.97 -3.64 -5.89
CA ALA B 105 -5.24 -3.76 -5.17
C ALA B 105 -5.10 -3.08 -3.83
N HIS B 106 -6.24 -2.80 -3.18
CA HIS B 106 -6.23 -2.15 -1.90
C HIS B 106 -7.17 -2.82 -0.89
N TYR B 107 -7.92 -3.82 -1.34
CA TYR B 107 -8.93 -4.47 -0.50
C TYR B 107 -8.92 -5.96 -0.79
N ASP B 108 -9.30 -6.77 0.19
CA ASP B 108 -9.24 -8.21 0.00
C ASP B 108 -10.23 -8.72 -1.06
N ASP B 109 -11.35 -8.01 -1.27
CA ASP B 109 -12.28 -8.42 -2.31
C ASP B 109 -11.68 -8.30 -3.71
N GLU B 110 -10.96 -7.21 -3.94
CA GLU B 110 -10.18 -7.01 -5.16
C GLU B 110 -9.10 -8.06 -5.39
N VAL B 111 -8.36 -8.44 -4.34
CA VAL B 111 -7.30 -9.45 -4.52
C VAL B 111 -7.91 -10.75 -5.05
N ALA B 112 -8.94 -11.24 -4.36
CA ALA B 112 -9.65 -12.45 -4.80
C ALA B 112 -10.21 -12.32 -6.22
N TYR B 113 -10.85 -11.18 -6.50
CA TYR B 113 -11.51 -10.96 -7.79
C TYR B 113 -10.52 -10.87 -8.92
N ILE B 114 -9.47 -10.08 -8.74
CA ILE B 114 -8.49 -9.91 -9.79
C ILE B 114 -7.82 -11.26 -10.11
N THR B 115 -7.55 -12.03 -9.06
CA THR B 115 -7.00 -13.40 -9.25
C THR B 115 -7.99 -14.27 -10.04
N GLU B 116 -9.26 -14.22 -9.64
CA GLU B 116 -10.29 -15.03 -10.30
C GLU B 116 -10.44 -14.63 -11.77
N ARG B 117 -10.23 -13.36 -12.06
CA ARG B 117 -10.37 -12.85 -13.45
C ARG B 117 -9.12 -13.17 -14.29
N GLY B 118 -8.06 -13.67 -13.64
CA GLY B 118 -6.96 -14.32 -14.39
C GLY B 118 -5.57 -13.74 -14.13
N ALA B 119 -5.42 -12.87 -13.13
CA ALA B 119 -4.08 -12.31 -12.85
C ALA B 119 -3.15 -13.35 -12.26
N ASN B 120 -1.89 -13.29 -12.66
CA ASN B 120 -0.89 -14.15 -12.05
C ASN B 120 -0.49 -13.69 -10.66
N GLN B 121 -0.43 -12.37 -10.45
CA GLN B 121 0.01 -11.81 -9.18
C GLN B 121 -0.77 -10.55 -8.86
N VAL B 122 -1.09 -10.37 -7.58
CA VAL B 122 -1.73 -9.17 -7.13
C VAL B 122 -0.95 -8.63 -5.94
N VAL B 123 -0.70 -7.33 -5.95
CA VAL B 123 0.00 -6.70 -4.84
C VAL B 123 -0.95 -5.73 -4.18
N GLY B 125 -1.65 -2.92 -1.54
CA GLY B 125 -0.84 -1.89 -0.89
C GLY B 125 -0.86 -2.02 0.60
N GLU B 126 -2.07 -2.17 1.16
CA GLU B 126 -2.16 -2.16 2.62
C GLU B 126 -1.49 -3.38 3.24
N ARG B 127 -1.48 -4.51 2.53
CA ARG B 127 -0.74 -5.68 3.01
C ARG B 127 0.75 -5.39 3.05
N GLU B 128 1.24 -4.70 2.01
CA GLU B 128 2.67 -4.42 1.91
C GLU B 128 3.09 -3.35 2.91
N ILE B 129 2.18 -2.44 3.26
CA ILE B 129 2.49 -1.52 4.35
C ILE B 129 2.71 -2.29 5.65
N ALA B 130 1.77 -3.19 5.98
CA ALA B 130 1.90 -4.00 7.22
C ALA B 130 3.18 -4.81 7.17
N ARG B 131 3.49 -5.41 6.00
CA ARG B 131 4.70 -6.25 5.91
C ARG B 131 5.96 -5.41 6.22
N THR B 132 5.99 -4.23 5.61
CA THR B 132 7.15 -3.37 5.77
C THR B 132 7.27 -2.87 7.19
N LEU B 134 6.28 -4.42 9.86
CA LEU B 134 6.68 -5.53 10.69
C LEU B 134 8.18 -5.77 10.58
N GLU B 135 8.70 -5.63 9.37
CA GLU B 135 10.14 -5.70 9.15
C GLU B 135 10.89 -4.64 9.95
N LEU B 136 10.32 -3.44 10.05
CA LEU B 136 10.91 -2.37 10.87
C LEU B 136 10.86 -2.75 12.33
N LEU B 137 9.82 -3.50 12.71
CA LEU B 137 9.65 -3.92 14.10
C LEU B 137 10.43 -5.18 14.49
N GLU B 138 10.26 -6.27 13.74
CA GLU B 138 10.78 -7.58 14.14
C GLU B 138 12.05 -7.95 13.38
#